data_6WUP
#
_entry.id   6WUP
#
_cell.length_a   70.955
_cell.length_b   70.955
_cell.length_c   175.390
_cell.angle_alpha   90.000
_cell.angle_beta   90.000
_cell.angle_gamma   120.000
#
_symmetry.space_group_name_H-M   'P 65 2 2'
#
loop_
_entity.id
_entity.type
_entity.pdbx_description
1 polymer 'Ancestral cyclohexadienyl dehydratase, AncCDT-5'
2 non-polymer 'CHLORIDE ION'
3 non-polymer '4-(2-HYDROXYETHYL)-1-PIPERAZINE ETHANESULFONIC ACID'
4 water water
#
_entity_poly.entity_id   1
_entity_poly.type   'polypeptide(L)'
_entity_poly.pdbx_seq_one_letter_code
;GIAASRLDEIMQRGTLRVGTTGDYKPFSYRDPDGQFTGFDIDMAESLAKSLGVKVEFVPTTWPTLMDDFQADKFDIAMGG
VSVTPERQKKADFSEPYMTDGKTPIVRCEDADKYQTLEQIDRPDVRVVVNPGGTNERFARAHLKQAQITVYPDNVTIFQE
IVAGRADVMMTDAVETRYQQKLHPGLCAVHVDKPFTHSEKAYLLPRGDPAFKAYVDQWLHQAMQSGTYQRIFDKWLKL
;
_entity_poly.pdbx_strand_id   A
#
loop_
_chem_comp.id
_chem_comp.type
_chem_comp.name
_chem_comp.formula
CL non-polymer 'CHLORIDE ION' 'Cl -1'
EPE non-polymer '4-(2-HYDROXYETHYL)-1-PIPERAZINE ETHANESULFONIC ACID' 'C8 H18 N2 O4 S'
#
# COMPACT_ATOMS: atom_id res chain seq x y z
N ALA A 3 18.48 19.26 -13.76
CA ALA A 3 19.79 19.14 -13.08
C ALA A 3 19.65 19.40 -11.57
N ALA A 4 19.10 20.55 -11.11
CA ALA A 4 18.88 20.96 -9.73
C ALA A 4 18.01 19.95 -8.99
N SER A 5 18.15 19.89 -7.66
CA SER A 5 17.34 19.00 -6.87
C SER A 5 15.87 19.38 -6.98
N ARG A 6 15.01 18.37 -6.94
CA ARG A 6 13.59 18.63 -6.78
C ARG A 6 13.29 19.47 -5.54
N LEU A 7 14.16 19.43 -4.53
CA LEU A 7 13.94 20.28 -3.36
C LEU A 7 13.83 21.74 -3.79
N ASP A 8 14.69 22.17 -4.71
CA ASP A 8 14.65 23.55 -5.18
C ASP A 8 13.32 23.87 -5.83
N GLU A 9 12.87 23.00 -6.75
CA GLU A 9 11.59 23.23 -7.42
C GLU A 9 10.45 23.30 -6.42
N ILE A 10 10.46 22.42 -5.41
CA ILE A 10 9.40 22.41 -4.41
C ILE A 10 9.38 23.71 -3.64
N MET A 11 10.56 24.18 -3.21
CA MET A 11 10.64 25.41 -2.42
C MET A 11 10.21 26.61 -3.25
N GLN A 12 10.63 26.67 -4.51
CA GLN A 12 10.23 27.79 -5.36
C GLN A 12 8.72 27.78 -5.60
N ARG A 13 8.16 26.61 -5.91
CA ARG A 13 6.73 26.51 -6.18
C ARG A 13 5.88 26.77 -4.94
N GLY A 14 6.37 26.38 -3.77
CA GLY A 14 5.63 26.55 -2.55
C GLY A 14 4.68 25.42 -2.23
N THR A 15 4.71 24.33 -2.99
CA THR A 15 3.84 23.19 -2.74
C THR A 15 4.59 21.90 -3.02
N LEU A 16 4.26 20.88 -2.24
CA LEU A 16 4.75 19.53 -2.44
C LEU A 16 3.62 18.74 -3.08
N ARG A 17 3.86 18.16 -4.27
CA ARG A 17 2.85 17.39 -4.98
C ARG A 17 2.98 15.93 -4.60
N VAL A 18 1.93 15.36 -4.01
CA VAL A 18 1.96 14.00 -3.45
C VAL A 18 1.00 13.13 -4.24
N GLY A 19 1.54 12.14 -4.95
CA GLY A 19 0.67 11.17 -5.62
C GLY A 19 0.13 10.14 -4.64
N THR A 20 -1.16 9.86 -4.73
CA THR A 20 -1.79 8.91 -3.83
C THR A 20 -3.06 8.35 -4.48
N THR A 21 -3.42 7.11 -4.15
CA THR A 21 -4.49 6.45 -4.88
C THR A 21 -5.88 6.64 -4.26
N GLY A 22 -5.96 6.91 -2.96
CA GLY A 22 -7.28 7.08 -2.36
C GLY A 22 -8.16 5.85 -2.35
N ASP A 23 -7.60 4.64 -2.54
CA ASP A 23 -8.38 3.41 -2.57
C ASP A 23 -7.89 2.37 -1.57
N TYR A 24 -7.09 2.78 -0.56
CA TYR A 24 -6.39 1.85 0.31
C TYR A 24 -6.46 2.33 1.76
N LYS A 25 -7.62 2.18 2.39
CA LYS A 25 -7.68 2.37 3.82
C LYS A 25 -6.81 1.30 4.49
N PRO A 26 -6.05 1.64 5.53
CA PRO A 26 -6.04 2.92 6.25
C PRO A 26 -4.95 3.91 5.82
N PHE A 27 -4.29 3.67 4.69
CA PHE A 27 -3.19 4.54 4.26
C PHE A 27 -3.69 5.78 3.53
N SER A 28 -4.67 5.60 2.63
CA SER A 28 -5.06 6.69 1.75
C SER A 28 -6.44 6.39 1.22
N TYR A 29 -7.38 7.30 1.48
CA TYR A 29 -8.75 7.11 1.04
C TYR A 29 -9.33 8.45 0.63
N ARG A 30 -9.94 8.50 -0.55
CA ARG A 30 -10.58 9.71 -1.04
C ARG A 30 -12.10 9.55 -0.87
N ASP A 31 -12.64 10.39 0.01
CA ASP A 31 -14.07 10.32 0.34
C ASP A 31 -14.80 10.93 -0.82
N PRO A 32 -16.26 10.88 -0.99
CA PRO A 32 -17.06 11.46 -2.08
C PRO A 32 -16.85 12.96 -2.25
N ASP A 33 -16.63 13.70 -1.17
CA ASP A 33 -16.39 15.14 -1.24
C ASP A 33 -15.05 15.48 -1.86
N GLY A 34 -14.17 14.51 -2.06
CA GLY A 34 -12.87 14.74 -2.65
C GLY A 34 -11.73 14.87 -1.67
N GLN A 35 -12.00 14.77 -0.37
CA GLN A 35 -10.95 14.88 0.64
C GLN A 35 -10.23 13.55 0.81
N PHE A 36 -8.90 13.61 0.87
CA PHE A 36 -8.08 12.46 1.21
C PHE A 36 -7.84 12.38 2.72
N THR A 37 -7.92 11.17 3.25
CA THR A 37 -7.59 10.90 4.64
C THR A 37 -6.82 9.59 4.74
N GLY A 38 -6.06 9.47 5.82
CA GLY A 38 -5.36 8.23 6.12
C GLY A 38 -3.97 8.45 6.69
N PHE A 39 -3.33 7.33 7.06
CA PHE A 39 -1.99 7.37 7.67
C PHE A 39 -1.01 8.15 6.79
N ASP A 40 -0.97 7.85 5.49
CA ASP A 40 0.03 8.47 4.65
C ASP A 40 -0.37 9.88 4.21
N ILE A 41 -1.66 10.22 4.30
CA ILE A 41 -2.07 11.62 4.14
C ILE A 41 -1.53 12.46 5.29
N ASP A 42 -1.66 11.95 6.52
CA ASP A 42 -1.09 12.65 7.67
C ASP A 42 0.43 12.75 7.60
N MET A 43 1.09 11.67 7.14
CA MET A 43 2.54 11.73 6.99
C MET A 43 2.94 12.75 5.92
N ALA A 44 2.18 12.80 4.82
CA ALA A 44 2.44 13.79 3.80
C ALA A 44 2.33 15.21 4.35
N GLU A 45 1.31 15.46 5.18
CA GLU A 45 1.21 16.77 5.80
C GLU A 45 2.41 17.05 6.69
N SER A 46 2.93 16.04 7.37
CA SER A 46 4.07 16.28 8.24
C SER A 46 5.33 16.61 7.42
N LEU A 47 5.57 15.89 6.31
CA LEU A 47 6.71 16.19 5.44
C LEU A 47 6.59 17.60 4.87
N ALA A 48 5.39 17.97 4.40
CA ALA A 48 5.21 19.30 3.85
C ALA A 48 5.46 20.36 4.91
N LYS A 49 4.98 20.12 6.13
CA LYS A 49 5.23 21.05 7.22
C LYS A 49 6.73 21.22 7.46
N SER A 50 7.48 20.11 7.45
CA SER A 50 8.93 20.18 7.60
C SER A 50 9.53 21.13 6.56
N LEU A 51 9.14 20.97 5.29
CA LEU A 51 9.65 21.77 4.19
C LEU A 51 9.11 23.20 4.18
N GLY A 52 8.03 23.48 4.91
CA GLY A 52 7.46 24.81 4.91
C GLY A 52 6.67 25.10 3.66
N VAL A 53 5.99 24.09 3.12
CA VAL A 53 5.22 24.24 1.89
C VAL A 53 3.83 23.65 2.10
N LYS A 54 2.93 23.98 1.19
CA LYS A 54 1.61 23.39 1.16
C LYS A 54 1.69 22.02 0.48
N VAL A 55 0.76 21.14 0.82
CA VAL A 55 0.66 19.86 0.13
C VAL A 55 -0.47 19.93 -0.89
N GLU A 56 -0.23 19.39 -2.08
CA GLU A 56 -1.28 19.16 -3.07
C GLU A 56 -1.34 17.66 -3.36
N PHE A 57 -2.49 17.05 -3.10
CA PHE A 57 -2.67 15.62 -3.39
C PHE A 57 -3.06 15.46 -4.84
N VAL A 58 -2.34 14.58 -5.54
CA VAL A 58 -2.55 14.31 -6.97
C VAL A 58 -3.08 12.88 -7.07
N PRO A 59 -4.32 12.70 -7.50
CA PRO A 59 -4.87 11.34 -7.64
C PRO A 59 -4.06 10.54 -8.65
N THR A 60 -3.82 9.27 -8.30
CA THR A 60 -3.26 8.30 -9.22
C THR A 60 -3.93 6.96 -8.95
N THR A 61 -3.53 5.92 -9.70
CA THR A 61 -4.10 4.58 -9.55
C THR A 61 -2.94 3.59 -9.59
N TRP A 62 -3.17 2.38 -9.09
CA TRP A 62 -2.08 1.41 -9.13
C TRP A 62 -1.61 1.14 -10.55
N PRO A 63 -2.49 0.94 -11.53
CA PRO A 63 -2.00 0.69 -12.90
C PRO A 63 -1.29 1.88 -13.55
N THR A 64 -1.56 3.11 -13.14
CA THR A 64 -0.91 4.27 -13.75
C THR A 64 0.14 4.92 -12.86
N LEU A 65 0.40 4.39 -11.67
CA LEU A 65 1.31 5.03 -10.72
C LEU A 65 2.66 5.37 -11.35
N MET A 66 3.31 4.39 -11.97
CA MET A 66 4.66 4.61 -12.47
C MET A 66 4.68 5.53 -13.71
N ASP A 67 3.71 5.35 -14.60
N ASP A 67 3.70 5.35 -14.61
CA ASP A 67 3.62 6.22 -15.77
CA ASP A 67 3.63 6.23 -15.78
C ASP A 67 3.33 7.65 -15.35
C ASP A 67 3.34 7.67 -15.36
N ASP A 68 2.46 7.84 -14.36
CA ASP A 68 2.18 9.18 -13.85
C ASP A 68 3.42 9.80 -13.23
N PHE A 69 4.16 9.01 -12.45
CA PHE A 69 5.39 9.49 -11.84
C PHE A 69 6.40 9.91 -12.89
N GLN A 70 6.58 9.09 -13.94
CA GLN A 70 7.54 9.42 -14.98
C GLN A 70 7.14 10.65 -15.78
N ALA A 71 5.83 10.91 -15.90
CA ALA A 71 5.31 12.12 -16.51
C ALA A 71 5.35 13.33 -15.57
N ASP A 72 5.97 13.20 -14.40
CA ASP A 72 6.15 14.34 -13.50
C ASP A 72 4.83 14.92 -13.00
N LYS A 73 3.85 14.05 -12.76
CA LYS A 73 2.58 14.52 -12.21
C LYS A 73 2.67 14.80 -10.70
N PHE A 74 3.68 14.27 -10.03
CA PHE A 74 3.85 14.53 -8.61
C PHE A 74 5.31 14.31 -8.26
N ASP A 75 5.70 14.81 -7.08
CA ASP A 75 7.09 14.76 -6.61
C ASP A 75 7.43 13.52 -5.82
N ILE A 76 6.43 12.92 -5.15
CA ILE A 76 6.64 11.79 -4.26
C ILE A 76 5.30 11.08 -4.22
N ALA A 77 5.31 9.75 -4.06
CA ALA A 77 4.07 9.00 -3.89
C ALA A 77 4.02 8.40 -2.50
N MET A 78 2.88 8.61 -1.82
CA MET A 78 2.71 8.21 -0.43
C MET A 78 1.32 7.62 -0.31
N GLY A 79 1.23 6.35 0.05
CA GLY A 79 -0.06 5.71 0.18
C GLY A 79 0.01 4.19 0.13
N GLY A 80 0.67 3.57 1.10
CA GLY A 80 0.74 2.12 1.17
C GLY A 80 1.53 1.46 0.05
N VAL A 81 2.56 2.15 -0.47
CA VAL A 81 3.33 1.61 -1.59
C VAL A 81 4.43 0.69 -1.04
N SER A 82 4.45 -0.55 -1.53
CA SER A 82 5.53 -1.47 -1.19
C SER A 82 6.75 -1.23 -2.07
N VAL A 83 7.94 -1.42 -1.48
CA VAL A 83 9.17 -1.50 -2.25
C VAL A 83 9.16 -2.79 -3.06
N THR A 84 9.38 -2.66 -4.37
CA THR A 84 9.49 -3.83 -5.24
C THR A 84 10.64 -3.63 -6.19
N PRO A 85 11.28 -4.71 -6.65
CA PRO A 85 12.37 -4.56 -7.62
C PRO A 85 11.91 -3.91 -8.90
N GLU A 86 10.68 -4.19 -9.32
CA GLU A 86 10.15 -3.56 -10.54
C GLU A 86 10.09 -2.05 -10.38
N ARG A 87 9.57 -1.58 -9.24
CA ARG A 87 9.51 -0.14 -9.06
C ARG A 87 10.90 0.49 -8.95
N GLN A 88 11.86 -0.22 -8.36
CA GLN A 88 13.22 0.29 -8.21
C GLN A 88 13.93 0.52 -9.54
N LYS A 89 13.45 -0.08 -10.64
CA LYS A 89 14.03 0.22 -11.95
C LYS A 89 13.78 1.66 -12.38
N LYS A 90 12.66 2.26 -11.95
CA LYS A 90 12.23 3.55 -12.44
C LYS A 90 12.23 4.64 -11.38
N ALA A 91 12.41 4.28 -10.10
CA ALA A 91 12.29 5.24 -9.02
C ALA A 91 13.16 4.77 -7.87
N ASP A 92 13.45 5.69 -6.95
CA ASP A 92 14.04 5.34 -5.67
C ASP A 92 12.94 5.29 -4.61
N PHE A 93 13.32 4.85 -3.42
CA PHE A 93 12.43 4.80 -2.27
C PHE A 93 13.09 5.44 -1.06
N SER A 94 12.26 6.05 -0.23
CA SER A 94 12.71 6.41 1.10
C SER A 94 13.04 5.15 1.90
N GLU A 95 13.68 5.36 3.05
CA GLU A 95 13.75 4.28 4.02
C GLU A 95 12.34 3.83 4.35
N PRO A 96 12.16 2.58 4.76
CA PRO A 96 10.80 2.08 5.03
C PRO A 96 10.24 2.66 6.32
N TYR A 97 8.90 2.76 6.34
CA TYR A 97 8.23 3.21 7.55
C TYR A 97 7.40 2.13 8.21
N MET A 98 7.23 0.97 7.58
CA MET A 98 6.62 -0.16 8.26
C MET A 98 6.83 -1.42 7.43
N THR A 99 6.72 -2.56 8.10
CA THR A 99 6.86 -3.87 7.50
C THR A 99 5.48 -4.46 7.30
N ASP A 100 5.32 -5.22 6.22
CA ASP A 100 4.04 -5.84 5.90
C ASP A 100 4.33 -7.18 5.22
N GLY A 101 3.36 -7.67 4.47
CA GLY A 101 3.52 -8.89 3.72
C GLY A 101 2.17 -9.43 3.33
N LYS A 102 2.17 -10.46 2.48
CA LYS A 102 0.93 -11.02 1.98
C LYS A 102 0.45 -12.13 2.91
N THR A 103 -0.85 -12.13 3.18
CA THR A 103 -1.43 -13.14 4.07
C THR A 103 -2.88 -13.38 3.68
N PRO A 104 -3.43 -14.54 4.02
CA PRO A 104 -4.80 -14.85 3.58
C PRO A 104 -5.86 -14.13 4.40
N ILE A 105 -7.01 -13.91 3.75
CA ILE A 105 -8.25 -13.59 4.42
C ILE A 105 -9.30 -14.58 3.92
N VAL A 106 -10.05 -15.17 4.86
CA VAL A 106 -10.94 -16.29 4.60
C VAL A 106 -12.21 -16.12 5.42
N ARG A 107 -13.18 -17.00 5.17
CA ARG A 107 -14.34 -17.07 6.04
C ARG A 107 -13.89 -17.52 7.42
N CYS A 108 -14.44 -16.89 8.47
CA CYS A 108 -14.00 -17.19 9.83
C CYS A 108 -14.07 -18.68 10.13
N GLU A 109 -15.10 -19.37 9.64
CA GLU A 109 -15.22 -20.81 9.89
C GLU A 109 -14.11 -21.61 9.23
N ASP A 110 -13.38 -21.00 8.29
CA ASP A 110 -12.33 -21.68 7.54
C ASP A 110 -10.92 -21.33 8.03
N ALA A 111 -10.82 -20.60 9.14
CA ALA A 111 -9.53 -20.06 9.56
C ALA A 111 -8.48 -21.17 9.70
N ASP A 112 -8.88 -22.33 10.20
CA ASP A 112 -7.91 -23.40 10.41
C ASP A 112 -7.59 -24.18 9.14
N LYS A 113 -8.39 -24.04 8.10
CA LYS A 113 -8.19 -24.79 6.87
C LYS A 113 -7.09 -24.20 5.99
N TYR A 114 -6.75 -22.92 6.16
CA TYR A 114 -5.95 -22.18 5.20
C TYR A 114 -4.81 -21.44 5.91
N GLN A 115 -4.12 -22.12 6.81
CA GLN A 115 -3.00 -21.51 7.51
C GLN A 115 -1.71 -21.55 6.71
N THR A 116 -1.55 -22.50 5.80
CA THR A 116 -0.32 -22.68 5.05
C THR A 116 -0.62 -22.65 3.55
N LEU A 117 0.42 -22.35 2.76
CA LEU A 117 0.28 -22.39 1.32
C LEU A 117 -0.01 -23.80 0.81
N GLU A 118 0.54 -24.83 1.46
CA GLU A 118 0.23 -26.19 1.07
C GLU A 118 -1.25 -26.50 1.22
N GLN A 119 -1.90 -25.92 2.23
CA GLN A 119 -3.34 -26.09 2.38
C GLN A 119 -4.09 -25.34 1.30
N ILE A 120 -3.62 -24.14 0.95
CA ILE A 120 -4.33 -23.31 -0.01
C ILE A 120 -4.15 -23.84 -1.42
N ASP A 121 -2.96 -24.35 -1.73
CA ASP A 121 -2.61 -24.71 -3.11
C ASP A 121 -3.04 -26.14 -3.42
N ARG A 122 -4.36 -26.31 -3.55
CA ARG A 122 -4.93 -27.61 -3.86
C ARG A 122 -6.03 -27.47 -4.89
N PRO A 123 -6.25 -28.51 -5.71
CA PRO A 123 -7.07 -28.33 -6.93
C PRO A 123 -8.45 -27.76 -6.71
N ASP A 124 -9.07 -28.01 -5.56
CA ASP A 124 -10.45 -27.58 -5.34
C ASP A 124 -10.58 -26.27 -4.58
N VAL A 125 -9.48 -25.69 -4.10
CA VAL A 125 -9.53 -24.41 -3.42
C VAL A 125 -9.70 -23.30 -4.46
N ARG A 126 -10.62 -22.39 -4.20
CA ARG A 126 -10.92 -21.29 -5.11
C ARG A 126 -10.28 -20.03 -4.55
N VAL A 127 -9.18 -19.61 -5.15
CA VAL A 127 -8.48 -18.39 -4.77
C VAL A 127 -8.97 -17.26 -5.66
N VAL A 128 -9.33 -16.12 -5.06
CA VAL A 128 -9.73 -14.94 -5.81
C VAL A 128 -8.68 -13.86 -5.60
N VAL A 129 -8.53 -12.98 -6.60
CA VAL A 129 -7.51 -11.95 -6.55
C VAL A 129 -7.90 -10.80 -7.46
N ASN A 130 -7.52 -9.58 -7.09
CA ASN A 130 -7.74 -8.42 -7.93
C ASN A 130 -6.65 -8.35 -9.00
N PRO A 131 -6.96 -7.75 -10.15
CA PRO A 131 -6.04 -7.83 -11.29
C PRO A 131 -4.89 -6.83 -11.26
N GLY A 132 -3.77 -7.26 -11.82
CA GLY A 132 -2.78 -6.37 -12.38
C GLY A 132 -1.67 -5.94 -11.44
N GLY A 133 -1.75 -6.29 -10.17
CA GLY A 133 -0.79 -5.77 -9.22
C GLY A 133 0.03 -6.81 -8.48
N THR A 134 0.51 -6.44 -7.29
CA THR A 134 1.37 -7.35 -6.54
C THR A 134 0.59 -8.55 -5.97
N ASN A 135 -0.71 -8.40 -5.75
CA ASN A 135 -1.49 -9.55 -5.27
C ASN A 135 -1.58 -10.64 -6.34
N GLU A 136 -1.89 -10.27 -7.58
CA GLU A 136 -1.99 -11.28 -8.63
C GLU A 136 -0.63 -11.91 -8.89
N ARG A 137 0.42 -11.08 -8.90
CA ARG A 137 1.77 -11.60 -9.02
C ARG A 137 2.06 -12.65 -7.96
N PHE A 138 1.68 -12.37 -6.71
CA PHE A 138 1.95 -13.32 -5.63
C PHE A 138 1.18 -14.63 -5.85
N ALA A 139 -0.09 -14.51 -6.22
CA ALA A 139 -0.92 -15.70 -6.36
C ALA A 139 -0.37 -16.60 -7.47
N ARG A 140 0.01 -16.00 -8.59
CA ARG A 140 0.46 -16.82 -9.73
C ARG A 140 1.83 -17.42 -9.47
N ALA A 141 2.64 -16.78 -8.64
CA ALA A 141 3.96 -17.29 -8.31
C ALA A 141 3.92 -18.40 -7.27
N HIS A 142 2.83 -18.53 -6.50
CA HIS A 142 2.80 -19.44 -5.36
C HIS A 142 1.67 -20.44 -5.39
N LEU A 143 0.93 -20.54 -6.49
CA LEU A 143 -0.23 -21.44 -6.55
C LEU A 143 -0.17 -22.24 -7.86
N LYS A 144 0.17 -23.52 -7.75
CA LYS A 144 0.29 -24.38 -8.91
C LYS A 144 -0.93 -25.28 -9.14
N GLN A 145 -1.79 -25.46 -8.13
CA GLN A 145 -2.95 -26.33 -8.26
C GLN A 145 -4.28 -25.62 -8.10
N ALA A 146 -4.36 -24.58 -7.26
CA ALA A 146 -5.63 -23.94 -6.96
C ALA A 146 -6.19 -23.21 -8.18
N GLN A 147 -7.52 -23.07 -8.20
CA GLN A 147 -8.20 -22.32 -9.24
C GLN A 147 -8.13 -20.84 -8.91
N ILE A 148 -7.39 -20.08 -9.72
CA ILE A 148 -7.28 -18.63 -9.52
C ILE A 148 -8.34 -17.95 -10.37
N THR A 149 -9.19 -17.17 -9.71
CA THR A 149 -10.17 -16.33 -10.37
C THR A 149 -9.74 -14.89 -10.18
N VAL A 150 -9.76 -14.12 -11.26
CA VAL A 150 -9.47 -12.70 -11.21
C VAL A 150 -10.80 -11.96 -11.20
N TYR A 151 -11.04 -11.19 -10.16
CA TYR A 151 -12.27 -10.44 -10.00
C TYR A 151 -11.95 -8.96 -10.17
N PRO A 152 -12.71 -8.24 -10.98
CA PRO A 152 -12.29 -6.89 -11.37
C PRO A 152 -12.61 -5.79 -10.36
N ASP A 153 -13.67 -5.95 -9.57
CA ASP A 153 -14.12 -4.89 -8.67
C ASP A 153 -13.32 -4.96 -7.37
N ASN A 154 -12.51 -3.93 -7.10
CA ASN A 154 -11.60 -3.96 -5.96
C ASN A 154 -12.31 -3.85 -4.62
N VAL A 155 -13.57 -3.44 -4.61
CA VAL A 155 -14.32 -3.31 -3.36
C VAL A 155 -15.13 -4.56 -3.08
N THR A 156 -15.89 -5.01 -4.08
CA THR A 156 -16.80 -6.14 -3.87
C THR A 156 -16.09 -7.50 -3.93
N ILE A 157 -14.77 -7.51 -4.13
CA ILE A 157 -14.06 -8.80 -4.25
C ILE A 157 -14.16 -9.61 -2.96
N PHE A 158 -14.11 -8.93 -1.81
CA PHE A 158 -14.14 -9.66 -0.54
C PHE A 158 -15.48 -10.34 -0.32
N GLN A 159 -16.55 -9.75 -0.87
CA GLN A 159 -17.87 -10.37 -0.78
C GLN A 159 -17.94 -11.70 -1.53
N GLU A 160 -17.06 -11.90 -2.51
CA GLU A 160 -16.98 -13.20 -3.17
C GLU A 160 -16.67 -14.31 -2.17
N ILE A 161 -15.79 -14.03 -1.20
CA ILE A 161 -15.49 -15.01 -0.16
C ILE A 161 -16.66 -15.17 0.79
N VAL A 162 -17.25 -14.05 1.22
CA VAL A 162 -18.40 -14.10 2.12
C VAL A 162 -19.52 -14.93 1.51
N ALA A 163 -19.77 -14.75 0.22
CA ALA A 163 -20.89 -15.40 -0.46
C ALA A 163 -20.61 -16.84 -0.84
N GLY A 164 -19.40 -17.34 -0.60
CA GLY A 164 -19.07 -18.70 -0.94
C GLY A 164 -18.72 -18.95 -2.38
N ARG A 165 -18.43 -17.91 -3.16
CA ARG A 165 -17.96 -18.10 -4.52
C ARG A 165 -16.44 -18.23 -4.59
N ALA A 166 -15.74 -17.94 -3.49
CA ALA A 166 -14.30 -18.11 -3.39
C ALA A 166 -13.96 -18.47 -1.94
N ASP A 167 -12.79 -19.09 -1.75
CA ASP A 167 -12.35 -19.56 -0.45
C ASP A 167 -11.24 -18.73 0.18
N VAL A 168 -10.34 -18.18 -0.61
CA VAL A 168 -9.16 -17.50 -0.09
C VAL A 168 -8.83 -16.31 -0.98
N MET A 169 -8.39 -15.22 -0.37
CA MET A 169 -7.67 -14.17 -1.07
C MET A 169 -6.45 -13.81 -0.24
N MET A 170 -5.33 -13.60 -0.89
CA MET A 170 -4.12 -13.21 -0.20
C MET A 170 -3.76 -11.78 -0.60
N THR A 171 -3.63 -10.92 0.40
CA THR A 171 -3.36 -9.49 0.16
C THR A 171 -2.47 -8.98 1.29
N ASP A 172 -2.18 -7.68 1.26
CA ASP A 172 -1.39 -7.06 2.32
C ASP A 172 -2.03 -7.35 3.68
N ALA A 173 -1.18 -7.69 4.65
CA ALA A 173 -1.67 -7.94 6.00
C ALA A 173 -2.45 -6.76 6.55
N VAL A 174 -1.99 -5.52 6.30
CA VAL A 174 -2.74 -4.36 6.76
C VAL A 174 -4.13 -4.32 6.14
N GLU A 175 -4.24 -4.69 4.85
CA GLU A 175 -5.58 -4.70 4.24
C GLU A 175 -6.45 -5.77 4.88
N THR A 176 -5.88 -6.93 5.21
CA THR A 176 -6.72 -7.96 5.84
C THR A 176 -7.24 -7.50 7.19
N ARG A 177 -6.46 -6.69 7.91
CA ARG A 177 -6.94 -6.13 9.17
C ARG A 177 -8.16 -5.25 8.93
N TYR A 178 -8.09 -4.38 7.91
CA TYR A 178 -9.21 -3.48 7.66
C TYR A 178 -10.43 -4.26 7.19
N GLN A 179 -10.22 -5.24 6.31
CA GLN A 179 -11.35 -5.94 5.71
C GLN A 179 -12.03 -6.88 6.69
N GLN A 180 -11.28 -7.43 7.65
CA GLN A 180 -11.92 -8.31 8.62
C GLN A 180 -12.76 -7.52 9.63
N LYS A 181 -12.46 -6.23 9.79
CA LYS A 181 -13.34 -5.37 10.59
C LYS A 181 -14.58 -4.97 9.81
N LEU A 182 -14.43 -4.72 8.50
CA LEU A 182 -15.55 -4.32 7.67
C LEU A 182 -16.52 -5.48 7.43
N HIS A 183 -15.99 -6.70 7.25
CA HIS A 183 -16.81 -7.87 6.97
C HIS A 183 -16.78 -8.83 8.15
N PRO A 184 -17.82 -8.86 9.00
CA PRO A 184 -17.77 -9.72 10.18
C PRO A 184 -17.53 -11.18 9.86
N GLY A 185 -17.92 -11.64 8.67
CA GLY A 185 -17.78 -13.04 8.33
C GLY A 185 -16.40 -13.45 7.87
N LEU A 186 -15.48 -12.51 7.71
CA LEU A 186 -14.12 -12.80 7.25
C LEU A 186 -13.13 -12.61 8.38
N CYS A 187 -12.03 -13.34 8.29
CA CYS A 187 -11.02 -13.36 9.33
C CYS A 187 -9.65 -13.35 8.64
N ALA A 188 -8.76 -12.49 9.13
CA ALA A 188 -7.38 -12.50 8.64
C ALA A 188 -6.64 -13.69 9.24
N VAL A 189 -5.84 -14.36 8.42
CA VAL A 189 -5.12 -15.57 8.82
C VAL A 189 -3.71 -15.19 9.25
N HIS A 190 -3.32 -15.63 10.46
CA HIS A 190 -2.06 -15.27 11.09
C HIS A 190 -1.54 -13.91 10.62
N VAL A 191 -2.30 -12.86 10.94
CA VAL A 191 -2.02 -11.54 10.39
C VAL A 191 -0.66 -11.00 10.84
N ASP A 192 -0.13 -11.47 11.97
CA ASP A 192 1.16 -11.00 12.45
C ASP A 192 2.33 -11.79 11.87
N LYS A 193 2.07 -12.81 11.06
CA LYS A 193 3.11 -13.65 10.47
C LYS A 193 2.76 -13.91 9.01
N PRO A 194 2.90 -12.89 8.16
CA PRO A 194 2.51 -13.06 6.75
C PRO A 194 3.45 -14.02 6.02
N PHE A 195 2.98 -14.47 4.86
CA PHE A 195 3.76 -15.40 4.04
C PHE A 195 5.03 -14.74 3.53
N THR A 196 4.96 -13.46 3.18
CA THR A 196 6.11 -12.73 2.66
C THR A 196 6.46 -11.60 3.60
N HIS A 197 7.64 -11.01 3.37
CA HIS A 197 8.10 -9.84 4.10
C HIS A 197 8.26 -8.72 3.09
N SER A 198 7.48 -7.67 3.25
CA SER A 198 7.57 -6.50 2.39
C SER A 198 7.77 -5.27 3.27
N GLU A 199 8.14 -4.17 2.64
CA GLU A 199 8.33 -2.91 3.34
C GLU A 199 7.55 -1.83 2.61
N LYS A 200 6.86 -0.99 3.37
CA LYS A 200 6.22 0.19 2.81
C LYS A 200 7.18 1.37 2.88
N ALA A 201 7.19 2.17 1.80
CA ALA A 201 8.13 3.29 1.69
C ALA A 201 7.52 4.33 0.76
N TYR A 202 8.19 5.47 0.63
CA TYR A 202 7.71 6.55 -0.22
C TYR A 202 8.48 6.57 -1.53
N LEU A 203 7.76 6.69 -2.65
CA LEU A 203 8.36 6.63 -3.97
C LEU A 203 8.96 7.98 -4.34
N LEU A 204 10.24 7.98 -4.73
CA LEU A 204 11.05 9.17 -4.95
C LEU A 204 11.70 9.13 -6.32
N PRO A 205 12.06 10.27 -6.88
CA PRO A 205 12.71 10.26 -8.19
C PRO A 205 14.12 9.71 -8.09
N ARG A 206 14.55 9.01 -9.15
CA ARG A 206 15.94 8.57 -9.24
C ARG A 206 16.86 9.76 -9.52
N GLY A 207 18.10 9.63 -9.10
CA GLY A 207 19.10 10.63 -9.42
C GLY A 207 18.99 11.93 -8.66
N ASP A 208 18.31 11.92 -7.52
CA ASP A 208 18.15 13.10 -6.66
C ASP A 208 18.48 12.73 -5.23
N PRO A 209 19.76 12.46 -4.94
CA PRO A 209 20.12 12.06 -3.58
C PRO A 209 19.80 13.13 -2.54
N ALA A 210 19.80 14.41 -2.90
CA ALA A 210 19.48 15.44 -1.92
C ALA A 210 18.03 15.32 -1.46
N PHE A 211 17.11 15.16 -2.40
CA PHE A 211 15.70 15.02 -2.03
C PHE A 211 15.48 13.75 -1.19
N LYS A 212 16.07 12.64 -1.62
CA LYS A 212 15.94 11.42 -0.83
C LYS A 212 16.53 11.59 0.58
N ALA A 213 17.67 12.27 0.70
CA ALA A 213 18.26 12.47 2.03
C ALA A 213 17.36 13.35 2.90
N TYR A 214 16.73 14.36 2.31
CA TYR A 214 15.81 15.18 3.08
C TYR A 214 14.65 14.33 3.60
N VAL A 215 14.05 13.55 2.71
CA VAL A 215 12.92 12.72 3.13
C VAL A 215 13.34 11.72 4.19
N ASP A 216 14.48 11.06 3.99
CA ASP A 216 14.95 10.09 4.97
C ASP A 216 15.21 10.74 6.32
N GLN A 217 15.76 11.95 6.33
CA GLN A 217 16.00 12.61 7.61
C GLN A 217 14.70 13.01 8.28
N TRP A 218 13.74 13.55 7.52
CA TRP A 218 12.45 13.86 8.10
C TRP A 218 11.81 12.61 8.68
N LEU A 219 11.89 11.50 7.96
CA LEU A 219 11.22 10.29 8.40
C LEU A 219 11.87 9.74 9.68
N HIS A 220 13.21 9.74 9.73
CA HIS A 220 13.89 9.23 10.91
C HIS A 220 13.55 10.08 12.12
N GLN A 221 13.54 11.41 11.95
CA GLN A 221 13.14 12.27 13.06
C GLN A 221 11.70 11.99 13.49
N ALA A 222 10.78 11.81 12.53
CA ALA A 222 9.38 11.56 12.87
C ALA A 222 9.23 10.25 13.65
N MET A 223 10.04 9.25 13.32
N MET A 223 10.04 9.25 13.33
CA MET A 223 9.91 7.96 13.99
CA MET A 223 9.90 7.96 14.00
C MET A 223 10.29 8.06 15.47
C MET A 223 10.35 8.02 15.45
N GLN A 224 11.22 8.96 15.80
CA GLN A 224 11.71 9.08 17.16
C GLN A 224 11.16 10.26 17.94
N SER A 225 10.36 11.12 17.32
CA SER A 225 9.96 12.33 18.02
C SER A 225 8.61 12.22 18.70
N GLY A 226 7.82 11.20 18.36
CA GLY A 226 6.43 11.08 18.76
C GLY A 226 5.46 11.26 17.61
N THR A 227 5.89 11.88 16.51
CA THR A 227 4.97 12.11 15.39
C THR A 227 4.50 10.79 14.79
N TYR A 228 5.43 9.92 14.43
CA TYR A 228 5.05 8.63 13.88
C TYR A 228 4.15 7.86 14.84
N GLN A 229 4.56 7.79 16.12
CA GLN A 229 3.76 7.08 17.12
C GLN A 229 2.31 7.57 17.14
N ARG A 230 2.11 8.88 17.10
CA ARG A 230 0.77 9.43 17.17
C ARG A 230 -0.04 9.06 15.93
N ILE A 231 0.55 9.21 14.75
CA ILE A 231 -0.17 8.90 13.52
C ILE A 231 -0.42 7.41 13.40
N PHE A 232 0.55 6.59 13.78
CA PHE A 232 0.35 5.14 13.77
C PHE A 232 -0.78 4.74 14.71
N ASP A 233 -0.79 5.29 15.91
CA ASP A 233 -1.86 4.95 16.88
C ASP A 233 -3.23 5.37 16.33
N LYS A 234 -3.31 6.45 15.58
CA LYS A 234 -4.58 6.90 15.02
C LYS A 234 -5.11 5.95 13.94
N TRP A 235 -4.23 5.33 13.14
CA TRP A 235 -4.69 4.59 11.96
C TRP A 235 -4.36 3.10 11.96
N LEU A 236 -3.22 2.70 12.50
CA LEU A 236 -2.73 1.34 12.31
C LEU A 236 -2.68 0.60 13.64
CL CL B . -2.54 -5.68 -5.89
N1 EPE C . -2.50 -2.65 -2.45
C2 EPE C . -3.18 -2.43 -3.73
C3 EPE C . -4.55 -1.80 -3.47
N4 EPE C . -5.33 -2.51 -2.46
C5 EPE C . -4.60 -3.01 -1.32
C6 EPE C . -3.24 -3.61 -1.63
C7 EPE C . -6.62 -1.95 -2.12
C8 EPE C . -7.52 -1.61 -3.30
O8 EPE C . -7.50 -2.65 -4.26
C9 EPE C . -1.16 -3.15 -2.67
C10 EPE C . -0.25 -1.95 -2.81
S EPE C . 1.38 -2.50 -3.27
O1S EPE C . 2.30 -1.38 -3.23
O2S EPE C . 1.30 -3.02 -4.63
O3S EPE C . 1.82 -3.51 -2.31
H21 EPE C . -3.31 -3.38 -4.25
H22 EPE C . -2.59 -1.78 -4.36
H31 EPE C . -5.11 -1.77 -4.40
H32 EPE C . -4.40 -0.77 -3.13
H51 EPE C . -5.20 -3.77 -0.82
H52 EPE C . -4.45 -2.19 -0.61
H61 EPE C . -3.36 -4.55 -2.18
H62 EPE C . -2.69 -3.84 -0.72
H71 EPE C . -6.46 -1.04 -1.54
H72 EPE C . -7.15 -2.66 -1.48
H81 EPE C . -7.16 -0.68 -3.77
H82 EPE C . -8.53 -1.44 -2.96
HO8 EPE C . -6.62 -3.08 -4.27
H91 EPE C . -0.84 -3.78 -1.84
H92 EPE C . -1.12 -3.76 -3.58
H101 EPE C . -0.65 -1.27 -3.57
H102 EPE C . -0.21 -1.40 -1.86
#